data_6G3H
#
_entry.id   6G3H
#
_cell.length_a   144.593
_cell.length_b   146.409
_cell.length_c   147.021
_cell.angle_alpha   90.00
_cell.angle_beta   90.00
_cell.angle_gamma   90.00
#
_symmetry.space_group_name_H-M   'F 2 2 2'
#
loop_
_entity.id
_entity.type
_entity.pdbx_description
1 polymer 'Argininosuccinate lyase'
2 non-polymer '(2~{S})-2-[2-[[(2~{S})-1,4-bis(oxidanyl)-1,4-bis(oxidanylidene)butan-2-yl]amino]ethylamino]butanedioic acid'
3 water water
#
_entity_poly.entity_id   1
_entity_poly.type   'polypeptide(L)'
_entity_poly.pdbx_seq_one_letter_code
;MNINVPDATRIGRATGAKAPEFQELYDFDAAALTLTSAVFPYDSQIHRAHVVMLTEQGILTVEESATILSGLAQVDELAA
TDGSLRTYLPYEAALKRTIGSVAGKMHIGRSRNDLANAGKRMFLRDQLLRTIEAVIGYREAVVHKAADHLDTVMVVYTQR
KEAQPITLGHYLMAISENLAKNLDRYRELYARINLCPLGAAATAGTGWPLNRDRTSALLGFDGLVVNSIEGVAGWDHVAE
HAFVNAVFLSGLSRLASEIQLWSTDEYQVAELDASFAGTSSIMPQKKNPDSLERSRKAAFAAMGPLVGILTSLNAIEYQY
SAARVELEPRSIDALIAATHAMTGVVRTLHPNKERMRQYAAENYSTMTDLTDMLVRRVGIDYREAHEIVAHVVITAIEKG
IKANKIGLDLVQEAAVAQTGAGINVSADDIKDALDPWQNVLRREGKGMPAPMSVKASIDDAMAELHKDRAWLANATQALA
NAKQTLADSVQQIIQTDRKYLRHHHHHH
;
_entity_poly.pdbx_strand_id   A
#
# COMPACT_ATOMS: atom_id res chain seq x y z
N VAL A 5 1.52 -33.30 -6.83
CA VAL A 5 1.65 -33.41 -5.38
C VAL A 5 0.83 -32.30 -4.71
N PRO A 6 -0.12 -32.66 -3.86
CA PRO A 6 -1.02 -31.66 -3.30
C PRO A 6 -0.38 -30.83 -2.20
N ASP A 7 -0.95 -29.63 -2.02
CA ASP A 7 -0.57 -28.75 -0.92
C ASP A 7 -0.85 -29.45 0.42
N ALA A 8 0.22 -29.90 1.09
CA ALA A 8 0.05 -30.70 2.30
C ALA A 8 -0.53 -29.92 3.47
N THR A 9 -0.62 -28.59 3.39
CA THR A 9 -1.25 -27.83 4.46
C THR A 9 -2.77 -27.79 4.34
N ARG A 10 -3.32 -28.24 3.21
CA ARG A 10 -4.77 -28.18 2.99
C ARG A 10 -5.35 -29.49 3.46
N ILE A 11 -5.64 -29.54 4.76
CA ILE A 11 -6.15 -30.72 5.44
C ILE A 11 -7.23 -30.26 6.41
N GLY A 12 -8.02 -31.22 6.86
CA GLY A 12 -9.14 -30.93 7.75
C GLY A 12 -9.91 -29.70 7.33
N ARG A 13 -10.02 -28.73 8.23
CA ARG A 13 -10.84 -27.55 7.99
C ARG A 13 -10.23 -26.60 6.96
N ALA A 14 -8.97 -26.79 6.57
CA ALA A 14 -8.36 -25.98 5.51
C ALA A 14 -8.68 -26.62 4.17
N THR A 15 -9.88 -26.31 3.68
CA THR A 15 -10.41 -26.95 2.49
C THR A 15 -10.03 -26.18 1.24
N GLY A 16 -9.93 -26.91 0.12
CA GLY A 16 -9.56 -26.31 -1.13
C GLY A 16 -8.10 -25.87 -1.14
N ALA A 17 -7.77 -25.10 -2.17
CA ALA A 17 -6.44 -24.56 -2.34
C ALA A 17 -6.34 -23.20 -1.68
N LYS A 18 -5.12 -22.80 -1.30
CA LYS A 18 -4.87 -21.42 -0.96
C LYS A 18 -5.30 -20.52 -2.11
N ALA A 19 -5.90 -19.39 -1.79
CA ALA A 19 -6.11 -18.38 -2.82
C ALA A 19 -4.74 -17.99 -3.40
N PRO A 20 -4.68 -17.58 -4.66
CA PRO A 20 -3.38 -17.12 -5.19
C PRO A 20 -2.78 -16.00 -4.36
N GLU A 21 -3.58 -14.99 -4.01
CA GLU A 21 -3.08 -13.90 -3.17
C GLU A 21 -2.54 -14.43 -1.85
N PHE A 22 -3.20 -15.44 -1.29
CA PHE A 22 -2.76 -16.02 -0.03
C PHE A 22 -1.42 -16.73 -0.21
N GLN A 23 -1.28 -17.50 -1.29
CA GLN A 23 -0.04 -18.19 -1.57
C GLN A 23 1.12 -17.22 -1.79
N GLU A 24 0.85 -16.03 -2.34
CA GLU A 24 1.91 -15.05 -2.55
C GLU A 24 2.71 -14.81 -1.28
N LEU A 25 2.06 -14.85 -0.12
CA LEU A 25 2.76 -14.59 1.14
C LEU A 25 3.77 -15.68 1.47
N TYR A 26 3.61 -16.87 0.92
CA TYR A 26 4.57 -17.94 1.11
C TYR A 26 5.67 -17.96 0.06
N ASP A 27 5.49 -17.26 -1.05
CA ASP A 27 6.42 -17.36 -2.18
C ASP A 27 7.39 -16.20 -2.29
N PHE A 28 7.07 -15.01 -1.77
CA PHE A 28 7.84 -13.83 -2.12
C PHE A 28 9.28 -13.90 -1.59
N ASP A 29 9.50 -14.51 -0.43
CA ASP A 29 10.83 -14.49 0.16
C ASP A 29 11.83 -15.24 -0.70
N ALA A 30 11.54 -16.50 -1.02
CA ALA A 30 12.48 -17.30 -1.81
C ALA A 30 12.65 -16.73 -3.22
N ALA A 31 11.62 -16.08 -3.76
CA ALA A 31 11.64 -15.61 -5.14
C ALA A 31 12.27 -14.24 -5.31
N ALA A 32 12.49 -13.51 -4.22
CA ALA A 32 12.95 -12.13 -4.33
C ALA A 32 14.33 -12.05 -4.97
N LEU A 33 14.48 -11.13 -5.92
CA LEU A 33 15.78 -10.84 -6.49
C LEU A 33 16.66 -10.10 -5.48
N THR A 34 17.97 -10.22 -5.65
CA THR A 34 18.87 -9.26 -5.04
C THR A 34 18.69 -7.90 -5.71
N LEU A 35 19.09 -6.85 -4.99
CA LEU A 35 19.06 -5.52 -5.58
C LEU A 35 19.91 -5.47 -6.84
N THR A 36 21.09 -6.09 -6.81
CA THR A 36 21.95 -6.13 -7.98
C THR A 36 21.22 -6.68 -9.19
N SER A 37 20.59 -7.85 -9.03
CA SER A 37 19.91 -8.47 -10.16
C SER A 37 18.65 -7.72 -10.55
N ALA A 38 18.03 -7.01 -9.61
CA ALA A 38 16.84 -6.22 -9.93
C ALA A 38 17.19 -4.94 -10.65
N VAL A 39 18.37 -4.38 -10.41
CA VAL A 39 18.75 -3.09 -10.96
C VAL A 39 19.48 -3.18 -12.30
N PHE A 40 20.10 -4.31 -12.60
CA PHE A 40 21.03 -4.35 -13.73
C PHE A 40 20.32 -4.27 -15.07
N PRO A 41 19.06 -4.69 -15.21
CA PRO A 41 18.36 -4.38 -16.46
C PRO A 41 18.22 -2.90 -16.71
N TYR A 42 18.07 -2.10 -15.65
CA TYR A 42 17.97 -0.65 -15.80
C TYR A 42 19.33 -0.05 -16.13
N ASP A 43 20.42 -0.66 -15.67
CA ASP A 43 21.75 -0.22 -16.09
C ASP A 43 21.90 -0.32 -17.60
N SER A 44 21.48 -1.43 -18.18
CA SER A 44 21.61 -1.61 -19.63
C SER A 44 20.82 -0.54 -20.38
N GLN A 45 19.66 -0.16 -19.87
CA GLN A 45 18.89 0.90 -20.50
C GLN A 45 19.63 2.23 -20.43
N ILE A 46 20.36 2.47 -19.34
CA ILE A 46 21.09 3.72 -19.19
C ILE A 46 22.28 3.77 -20.14
N HIS A 47 22.95 2.63 -20.34
CA HIS A 47 24.07 2.60 -21.27
C HIS A 47 23.63 3.01 -22.67
N ARG A 48 22.51 2.47 -23.13
CA ARG A 48 21.99 2.85 -24.44
C ARG A 48 21.59 4.33 -24.45
N ALA A 49 20.79 4.75 -23.48
CA ALA A 49 20.36 6.16 -23.43
C ALA A 49 21.57 7.09 -23.38
N HIS A 50 22.56 6.76 -22.55
CA HIS A 50 23.76 7.57 -22.46
C HIS A 50 24.52 7.60 -23.79
N VAL A 51 24.71 6.42 -24.39
CA VAL A 51 25.39 6.34 -25.69
C VAL A 51 24.63 7.14 -26.74
N VAL A 52 23.32 6.91 -26.85
CA VAL A 52 22.50 7.68 -27.78
C VAL A 52 22.76 9.17 -27.60
N MET A 53 22.78 9.63 -26.34
CA MET A 53 23.00 11.04 -26.07
C MET A 53 24.39 11.46 -26.54
N LEU A 54 25.40 10.65 -26.26
CA LEU A 54 26.75 10.95 -26.73
C LEU A 54 26.80 11.04 -28.25
N THR A 55 26.04 10.17 -28.93
CA THR A 55 26.01 10.23 -30.39
C THR A 55 25.29 11.47 -30.88
N GLU A 56 24.16 11.82 -30.25
CA GLU A 56 23.49 13.08 -30.59
C GLU A 56 24.38 14.29 -30.29
N GLN A 57 25.22 14.20 -29.27
CA GLN A 57 26.13 15.29 -28.91
C GLN A 57 27.45 15.23 -29.66
N GLY A 58 27.57 14.34 -30.66
CA GLY A 58 28.81 14.23 -31.40
C GLY A 58 30.01 13.86 -30.57
N ILE A 59 29.81 13.37 -29.34
CA ILE A 59 30.93 12.84 -28.57
C ILE A 59 31.31 11.44 -29.05
N LEU A 60 30.43 10.78 -29.78
CA LEU A 60 30.70 9.49 -30.42
C LEU A 60 30.21 9.55 -31.85
N THR A 61 30.87 8.81 -32.73
CA THR A 61 30.43 8.77 -34.11
C THR A 61 29.28 7.76 -34.25
N VAL A 62 28.48 7.94 -35.30
CA VAL A 62 27.42 6.98 -35.57
C VAL A 62 28.00 5.56 -35.68
N GLU A 63 29.26 5.44 -36.05
CA GLU A 63 29.88 4.13 -36.17
C GLU A 63 30.39 3.63 -34.83
N GLU A 64 31.05 4.50 -34.05
CA GLU A 64 31.40 4.13 -32.68
C GLU A 64 30.15 3.73 -31.90
N SER A 65 29.11 4.56 -31.97
CA SER A 65 27.88 4.31 -31.23
C SER A 65 27.26 2.98 -31.64
N ALA A 66 27.12 2.75 -32.96
CA ALA A 66 26.52 1.52 -33.44
C ALA A 66 27.30 0.31 -32.93
N THR A 67 28.63 0.38 -32.96
CA THR A 67 29.44 -0.70 -32.39
C THR A 67 29.08 -0.94 -30.93
N ILE A 68 29.06 0.13 -30.14
CA ILE A 68 28.78 -0.01 -28.70
C ILE A 68 27.40 -0.60 -28.50
N LEU A 69 26.39 -0.06 -29.18
CA LEU A 69 25.02 -0.49 -28.93
C LEU A 69 24.82 -1.96 -29.28
N SER A 70 25.42 -2.42 -30.38
CA SER A 70 25.34 -3.83 -30.72
C SER A 70 26.04 -4.68 -29.67
N GLY A 71 27.11 -4.17 -29.05
CA GLY A 71 27.78 -4.93 -28.01
C GLY A 71 26.99 -4.99 -26.72
N LEU A 72 26.30 -3.90 -26.37
CA LEU A 72 25.45 -3.91 -25.18
C LEU A 72 24.45 -5.06 -25.25
N ALA A 73 23.77 -5.19 -26.39
CA ALA A 73 22.86 -6.31 -26.59
C ALA A 73 23.57 -7.65 -26.37
N GLN A 74 24.83 -7.73 -26.81
CA GLN A 74 25.57 -8.99 -26.66
C GLN A 74 25.89 -9.26 -25.19
N VAL A 75 26.40 -8.26 -24.47
CA VAL A 75 26.76 -8.47 -23.07
C VAL A 75 25.51 -8.65 -22.21
N ASP A 76 24.44 -7.91 -22.54
CA ASP A 76 23.16 -8.13 -21.87
C ASP A 76 22.77 -9.60 -21.95
N GLU A 77 22.97 -10.23 -23.11
CA GLU A 77 22.64 -11.64 -23.25
C GLU A 77 23.56 -12.51 -22.39
N LEU A 78 24.86 -12.20 -22.36
CA LEU A 78 25.77 -12.92 -21.47
C LEU A 78 25.34 -12.78 -20.02
N ALA A 79 24.88 -11.59 -19.63
CA ALA A 79 24.52 -11.32 -18.25
C ALA A 79 23.26 -12.08 -17.82
N ALA A 80 22.44 -12.51 -18.78
CA ALA A 80 21.25 -13.29 -18.43
C ALA A 80 21.62 -14.53 -17.62
N THR A 81 22.81 -15.09 -17.85
CA THR A 81 23.26 -16.28 -17.15
C THR A 81 24.55 -16.08 -16.36
N ASP A 82 25.38 -15.11 -16.71
CA ASP A 82 26.61 -14.82 -15.99
C ASP A 82 26.31 -13.69 -15.01
N GLY A 83 26.05 -14.06 -13.74
CA GLY A 83 25.72 -13.08 -12.73
C GLY A 83 26.82 -12.08 -12.45
N SER A 84 28.08 -12.42 -12.75
CA SER A 84 29.19 -11.52 -12.48
C SER A 84 29.19 -10.30 -13.40
N LEU A 85 28.36 -10.27 -14.43
CA LEU A 85 28.28 -9.13 -15.34
C LEU A 85 27.22 -8.13 -14.93
N ARG A 86 26.64 -8.28 -13.75
CA ARG A 86 25.52 -7.45 -13.32
C ARG A 86 25.96 -6.28 -12.43
N THR A 87 27.26 -6.07 -12.30
CA THR A 87 27.79 -4.84 -11.75
C THR A 87 28.67 -4.18 -12.81
N TYR A 88 28.82 -2.86 -12.72
CA TYR A 88 29.23 -2.09 -13.88
C TYR A 88 30.59 -2.51 -14.41
N LEU A 89 31.63 -2.38 -13.59
CA LEU A 89 32.99 -2.59 -14.10
C LEU A 89 33.16 -3.97 -14.72
N PRO A 90 32.72 -5.06 -14.11
CA PRO A 90 32.74 -6.34 -14.83
C PRO A 90 31.96 -6.31 -16.13
N TYR A 91 30.81 -5.62 -16.15
CA TYR A 91 30.05 -5.48 -17.39
C TYR A 91 30.84 -4.74 -18.45
N GLU A 92 31.45 -3.61 -18.07
CA GLU A 92 32.25 -2.84 -19.01
C GLU A 92 33.39 -3.68 -19.58
N ALA A 93 34.05 -4.48 -18.74
CA ALA A 93 35.16 -5.29 -19.22
C ALA A 93 34.68 -6.34 -20.21
N ALA A 94 33.51 -6.95 -19.96
CA ALA A 94 32.96 -7.89 -20.93
C ALA A 94 32.65 -7.21 -22.25
N LEU A 95 32.11 -5.99 -22.19
CA LEU A 95 31.90 -5.23 -23.43
C LEU A 95 33.22 -5.00 -24.15
N LYS A 96 34.29 -4.72 -23.40
CA LYS A 96 35.61 -4.60 -24.01
C LYS A 96 36.02 -5.90 -24.67
N ARG A 97 35.87 -7.02 -23.96
CA ARG A 97 36.18 -8.33 -24.54
C ARG A 97 35.34 -8.62 -25.77
N THR A 98 34.20 -7.96 -25.93
CA THR A 98 33.28 -8.24 -27.04
C THR A 98 33.56 -7.37 -28.26
N ILE A 99 33.72 -6.06 -28.07
CA ILE A 99 33.78 -5.13 -29.19
C ILE A 99 35.08 -4.32 -29.22
N GLY A 100 35.96 -4.49 -28.26
CA GLY A 100 37.24 -3.80 -28.27
C GLY A 100 37.25 -2.56 -27.40
N SER A 101 38.31 -1.76 -27.58
CA SER A 101 38.58 -0.64 -26.69
C SER A 101 37.48 0.41 -26.75
N VAL A 102 36.75 0.49 -27.87
CA VAL A 102 35.66 1.46 -27.97
C VAL A 102 34.66 1.26 -26.84
N ALA A 103 34.61 0.05 -26.27
CA ALA A 103 33.76 -0.22 -25.11
C ALA A 103 33.87 0.87 -24.05
N GLY A 104 35.10 1.20 -23.66
CA GLY A 104 35.35 2.16 -22.60
C GLY A 104 34.70 3.51 -22.83
N LYS A 105 34.42 3.85 -24.08
CA LYS A 105 33.90 5.18 -24.39
C LYS A 105 32.45 5.37 -23.96
N MET A 106 31.73 4.29 -23.65
CA MET A 106 30.38 4.45 -23.13
C MET A 106 30.36 5.10 -21.76
N HIS A 107 31.50 5.14 -21.08
CA HIS A 107 31.59 5.73 -19.75
C HIS A 107 32.08 7.18 -19.79
N ILE A 108 32.16 7.78 -20.97
CA ILE A 108 32.58 9.17 -21.07
C ILE A 108 31.60 10.06 -20.34
N GLY A 109 32.12 10.94 -19.48
CA GLY A 109 31.28 11.88 -18.79
C GLY A 109 30.38 11.25 -17.75
N ARG A 110 30.75 10.07 -17.24
CA ARG A 110 29.87 9.30 -16.38
C ARG A 110 30.69 8.62 -15.30
N SER A 111 30.00 8.23 -14.24
CA SER A 111 30.60 7.58 -13.09
C SER A 111 29.74 6.39 -12.72
N ARG A 112 30.26 5.54 -11.84
CA ARG A 112 29.41 4.54 -11.22
C ARG A 112 28.42 5.17 -10.25
N ASN A 113 28.71 6.39 -9.78
CA ASN A 113 27.88 7.00 -8.75
C ASN A 113 26.55 7.49 -9.31
N ASP A 114 26.59 8.26 -10.40
CA ASP A 114 25.35 8.70 -11.02
C ASP A 114 24.67 7.63 -11.85
N LEU A 115 25.43 6.65 -12.35
CA LEU A 115 24.81 5.47 -12.96
C LEU A 115 23.98 4.71 -11.93
N ALA A 116 24.54 4.49 -10.74
CA ALA A 116 23.84 3.70 -9.74
C ALA A 116 22.63 4.45 -9.18
N ASN A 117 22.80 5.73 -8.86
CA ASN A 117 21.68 6.52 -8.36
C ASN A 117 20.53 6.52 -9.35
N ALA A 118 20.84 6.72 -10.64
CA ALA A 118 19.81 6.72 -11.67
C ALA A 118 19.17 5.35 -11.80
N GLY A 119 20.00 4.31 -11.88
CA GLY A 119 19.47 2.97 -12.08
C GLY A 119 18.56 2.51 -10.95
N LYS A 120 18.93 2.85 -9.71
CA LYS A 120 18.08 2.50 -8.58
C LYS A 120 16.78 3.29 -8.58
N ARG A 121 16.81 4.54 -9.03
CA ARG A 121 15.58 5.30 -9.21
C ARG A 121 14.67 4.61 -10.22
N MET A 122 15.22 4.20 -11.35
CA MET A 122 14.43 3.50 -12.36
C MET A 122 13.81 2.23 -11.78
N PHE A 123 14.55 1.54 -10.91
CA PHE A 123 14.01 0.36 -10.25
C PHE A 123 12.86 0.75 -9.32
N LEU A 124 13.12 1.65 -8.38
CA LEU A 124 12.07 2.07 -7.45
C LEU A 124 10.90 2.70 -8.18
N ARG A 125 11.19 3.41 -9.27
CA ARG A 125 10.14 4.00 -10.09
C ARG A 125 9.14 2.95 -10.55
N ASP A 126 9.64 1.88 -11.18
CA ASP A 126 8.75 0.80 -11.61
C ASP A 126 8.06 0.15 -10.41
N GLN A 127 8.79 -0.02 -9.31
CA GLN A 127 8.20 -0.63 -8.12
C GLN A 127 7.19 0.29 -7.45
N LEU A 128 7.31 1.60 -7.65
CA LEU A 128 6.29 2.51 -7.14
C LEU A 128 5.00 2.38 -7.94
N LEU A 129 5.11 2.31 -9.27
CA LEU A 129 3.93 2.08 -10.10
C LEU A 129 3.30 0.73 -9.79
N ARG A 130 4.14 -0.29 -9.56
CA ARG A 130 3.62 -1.59 -9.15
C ARG A 130 2.87 -1.48 -7.83
N THR A 131 3.41 -0.70 -6.89
CA THR A 131 2.77 -0.54 -5.59
C THR A 131 1.44 0.20 -5.73
N ILE A 132 1.45 1.33 -6.44
CA ILE A 132 0.22 2.10 -6.63
C ILE A 132 -0.85 1.23 -7.27
N GLU A 133 -0.45 0.37 -8.21
CA GLU A 133 -1.42 -0.54 -8.82
C GLU A 133 -1.99 -1.49 -7.79
N ALA A 134 -1.15 -2.01 -6.90
CA ALA A 134 -1.63 -2.91 -5.86
C ALA A 134 -2.57 -2.19 -4.89
N VAL A 135 -2.14 -1.01 -4.42
CA VAL A 135 -2.96 -0.26 -3.48
C VAL A 135 -4.30 0.13 -4.13
N ILE A 136 -4.27 0.50 -5.40
CA ILE A 136 -5.51 0.85 -6.11
C ILE A 136 -6.46 -0.35 -6.07
N GLY A 137 -5.99 -1.52 -6.45
CA GLY A 137 -6.83 -2.71 -6.41
C GLY A 137 -7.29 -3.04 -5.00
N TYR A 138 -6.50 -2.66 -4.01
CA TYR A 138 -6.88 -2.83 -2.61
C TYR A 138 -8.00 -1.86 -2.25
N ARG A 139 -7.87 -0.60 -2.66
CA ARG A 139 -8.96 0.34 -2.46
C ARG A 139 -10.20 -0.06 -3.27
N GLU A 140 -10.00 -0.52 -4.51
CA GLU A 140 -11.12 -1.00 -5.31
C GLU A 140 -11.90 -2.08 -4.58
N ALA A 141 -11.17 -3.05 -4.01
CA ALA A 141 -11.84 -4.14 -3.30
C ALA A 141 -12.55 -3.64 -2.05
N VAL A 142 -11.98 -2.65 -1.38
CA VAL A 142 -12.58 -2.13 -0.15
C VAL A 142 -13.87 -1.39 -0.46
N VAL A 143 -13.84 -0.50 -1.45
CA VAL A 143 -15.03 0.27 -1.80
C VAL A 143 -16.11 -0.64 -2.37
N HIS A 144 -15.73 -1.57 -3.25
CA HIS A 144 -16.70 -2.49 -3.83
C HIS A 144 -17.37 -3.32 -2.75
N LYS A 145 -16.59 -3.75 -1.76
CA LYS A 145 -17.17 -4.47 -0.63
C LYS A 145 -18.14 -3.59 0.14
N ALA A 146 -17.72 -2.34 0.42
CA ALA A 146 -18.57 -1.43 1.18
C ALA A 146 -19.92 -1.23 0.51
N ALA A 147 -19.94 -1.10 -0.82
CA ALA A 147 -21.18 -0.87 -1.54
C ALA A 147 -22.19 -2.00 -1.36
N ASP A 148 -21.71 -3.20 -1.03
CA ASP A 148 -22.58 -4.35 -0.80
C ASP A 148 -23.05 -4.47 0.65
N HIS A 149 -22.69 -3.53 1.51
CA HIS A 149 -22.91 -3.70 2.94
C HIS A 149 -23.37 -2.40 3.60
N LEU A 150 -24.15 -1.59 2.88
CA LEU A 150 -24.74 -0.40 3.45
C LEU A 150 -25.78 -0.72 4.52
N ASP A 151 -26.37 -1.92 4.48
CA ASP A 151 -27.38 -2.33 5.45
C ASP A 151 -26.84 -3.29 6.50
N THR A 152 -25.57 -3.68 6.40
CA THR A 152 -24.99 -4.67 7.32
C THR A 152 -24.66 -3.96 8.63
N VAL A 153 -25.65 -3.87 9.51
CA VAL A 153 -25.47 -3.17 10.77
C VAL A 153 -24.52 -3.97 11.66
N MET A 154 -23.68 -3.26 12.40
CA MET A 154 -22.69 -3.85 13.28
C MET A 154 -22.15 -2.73 14.15
N VAL A 155 -21.44 -3.11 15.20
CA VAL A 155 -20.88 -2.12 16.12
C VAL A 155 -19.49 -1.70 15.65
N VAL A 156 -19.19 -0.44 15.88
CA VAL A 156 -17.82 0.07 15.80
C VAL A 156 -17.23 -0.01 17.21
N TYR A 157 -15.92 -0.23 17.29
CA TYR A 157 -15.21 -0.29 18.55
C TYR A 157 -14.31 0.92 18.72
N THR A 158 -14.19 1.37 19.97
CA THR A 158 -13.08 2.20 20.40
C THR A 158 -12.43 1.51 21.60
N GLN A 159 -11.10 1.44 21.57
CA GLN A 159 -10.33 0.74 22.61
C GLN A 159 -10.78 -0.71 22.74
N ARG A 160 -11.09 -1.34 21.62
CA ARG A 160 -11.52 -2.75 21.59
C ARG A 160 -12.74 -2.97 22.47
N LYS A 161 -13.59 -1.96 22.58
CA LYS A 161 -14.86 -2.06 23.27
C LYS A 161 -15.96 -1.51 22.37
N GLU A 162 -17.14 -2.13 22.41
CA GLU A 162 -18.22 -1.70 21.55
C GLU A 162 -18.61 -0.27 21.88
N ALA A 163 -18.69 0.57 20.84
CA ALA A 163 -18.91 2.00 21.01
C ALA A 163 -20.31 2.39 20.56
N GLN A 164 -20.61 2.33 19.27
CA GLN A 164 -21.90 2.71 18.74
C GLN A 164 -22.18 1.85 17.51
N PRO A 165 -23.40 1.84 17.03
CA PRO A 165 -23.68 1.06 15.83
C PRO A 165 -23.30 1.79 14.56
N ILE A 166 -22.92 1.02 13.57
CA ILE A 166 -22.53 1.50 12.27
C ILE A 166 -22.85 0.42 11.27
N THR A 167 -22.19 0.41 10.14
CA THR A 167 -22.37 -0.62 9.17
C THR A 167 -21.02 -1.05 8.69
N LEU A 168 -20.97 -2.23 8.17
CA LEU A 168 -19.70 -2.71 7.61
C LEU A 168 -19.22 -1.80 6.49
N GLY A 169 -20.14 -1.31 5.66
CA GLY A 169 -19.74 -0.40 4.59
C GLY A 169 -19.20 0.91 5.13
N HIS A 170 -19.78 1.41 6.22
CA HIS A 170 -19.23 2.60 6.85
C HIS A 170 -17.79 2.36 7.30
N TYR A 171 -17.53 1.20 7.89
CA TYR A 171 -16.18 0.90 8.33
C TYR A 171 -15.21 0.84 7.15
N LEU A 172 -15.57 0.08 6.11
CA LEU A 172 -14.68 -0.09 4.98
C LEU A 172 -14.34 1.24 4.31
N MET A 173 -15.26 2.21 4.37
CA MET A 173 -14.97 3.51 3.77
C MET A 173 -14.03 4.35 4.62
N ALA A 174 -13.85 4.00 5.89
CA ALA A 174 -12.74 4.56 6.64
C ALA A 174 -11.41 4.12 6.03
N ILE A 175 -11.34 2.84 5.64
CA ILE A 175 -10.13 2.31 5.00
C ILE A 175 -9.91 3.00 3.66
N SER A 176 -10.99 3.17 2.89
CA SER A 176 -10.88 3.88 1.62
C SER A 176 -10.24 5.25 1.81
N GLU A 177 -10.70 6.01 2.79
CA GLU A 177 -10.13 7.33 3.01
C GLU A 177 -8.68 7.22 3.44
N ASN A 178 -8.35 6.21 4.25
CA ASN A 178 -6.95 5.93 4.58
C ASN A 178 -6.13 5.72 3.32
N LEU A 179 -6.62 4.88 2.40
CA LEU A 179 -5.84 4.54 1.22
C LEU A 179 -5.74 5.71 0.24
N ALA A 180 -6.80 6.52 0.14
CA ALA A 180 -6.72 7.69 -0.74
C ALA A 180 -5.51 8.55 -0.39
N LYS A 181 -5.30 8.79 0.91
CA LYS A 181 -4.19 9.62 1.33
C LYS A 181 -2.85 8.89 1.19
N ASN A 182 -2.85 7.57 1.32
CA ASN A 182 -1.63 6.81 1.06
C ASN A 182 -1.28 6.84 -0.42
N LEU A 183 -2.29 6.82 -1.29
CA LEU A 183 -2.04 6.98 -2.71
C LEU A 183 -1.50 8.38 -3.02
N ASP A 184 -1.96 9.40 -2.28
CA ASP A 184 -1.37 10.73 -2.43
C ASP A 184 0.11 10.70 -2.08
N ARG A 185 0.47 10.05 -0.97
CA ARG A 185 1.87 9.91 -0.60
C ARG A 185 2.68 9.26 -1.71
N TYR A 186 2.19 8.14 -2.22
CA TYR A 186 2.93 7.41 -3.24
C TYR A 186 3.09 8.25 -4.51
N ARG A 187 2.10 9.04 -4.85
CA ARG A 187 2.17 9.89 -6.01
C ARG A 187 3.13 11.05 -5.77
N GLU A 188 3.05 11.67 -4.62
CA GLU A 188 3.96 12.76 -4.31
C GLU A 188 5.41 12.28 -4.30
N LEU A 189 5.63 11.06 -3.79
CA LEU A 189 6.97 10.47 -3.80
C LEU A 189 7.43 10.20 -5.23
N TYR A 190 6.55 9.71 -6.09
CA TYR A 190 6.92 9.43 -7.47
C TYR A 190 7.54 10.65 -8.13
N ALA A 191 7.03 11.84 -7.82
CA ALA A 191 7.58 13.06 -8.41
C ALA A 191 9.02 13.31 -7.97
N ARG A 192 9.43 12.74 -6.83
CA ARG A 192 10.79 12.91 -6.36
C ARG A 192 11.70 11.75 -6.75
N ILE A 193 11.13 10.56 -6.98
CA ILE A 193 11.93 9.47 -7.53
C ILE A 193 12.23 9.72 -9.00
N ASN A 194 11.25 10.20 -9.75
CA ASN A 194 11.39 10.27 -11.21
C ASN A 194 12.14 11.53 -11.60
N LEU A 195 13.28 11.77 -10.97
CA LEU A 195 14.20 12.84 -11.33
C LEU A 195 15.52 12.21 -11.71
N CYS A 196 16.12 12.71 -12.79
CA CYS A 196 17.29 12.05 -13.38
C CYS A 196 18.56 12.65 -12.80
N PRO A 197 19.43 11.87 -12.16
CA PRO A 197 20.72 12.39 -11.71
C PRO A 197 21.85 12.25 -12.72
N LEU A 198 21.60 11.58 -13.86
CA LEU A 198 22.67 11.30 -14.80
C LEU A 198 23.24 12.61 -15.35
N GLY A 199 24.56 12.64 -15.49
CA GLY A 199 25.29 13.85 -15.81
C GLY A 199 26.02 14.45 -14.63
N ALA A 200 25.66 14.06 -13.41
CA ALA A 200 26.43 14.46 -12.25
C ALA A 200 27.79 13.78 -12.20
N ALA A 201 27.94 12.67 -12.91
CA ALA A 201 29.21 11.91 -12.95
C ALA A 201 29.54 11.53 -11.51
N ALA A 202 30.77 11.75 -11.05
CA ALA A 202 31.14 11.31 -9.70
C ALA A 202 30.39 12.07 -8.63
N THR A 203 30.07 13.34 -8.88
CA THR A 203 29.51 14.25 -7.88
C THR A 203 29.68 15.71 -8.32
N ALA A 204 30.52 15.94 -9.33
CA ALA A 204 30.91 17.30 -9.72
C ALA A 204 30.61 17.61 -11.18
N GLY A 205 29.83 16.78 -11.86
CA GLY A 205 29.62 17.00 -13.28
C GLY A 205 30.85 16.55 -14.07
N THR A 206 31.02 17.17 -15.24
CA THR A 206 32.10 16.79 -16.14
C THR A 206 32.34 17.93 -17.13
N GLY A 207 33.52 17.91 -17.75
CA GLY A 207 33.82 18.84 -18.82
C GLY A 207 33.23 18.43 -20.16
N TRP A 208 32.85 17.16 -20.30
CA TRP A 208 32.20 16.73 -21.52
C TRP A 208 30.84 17.40 -21.67
N PRO A 209 30.48 17.88 -22.89
CA PRO A 209 29.19 18.59 -23.07
C PRO A 209 28.02 17.63 -23.21
N LEU A 210 27.62 17.04 -22.09
CA LEU A 210 26.46 16.16 -22.09
C LEU A 210 25.17 16.98 -22.20
N ASN A 211 24.16 16.38 -22.81
CA ASN A 211 22.81 16.94 -22.81
C ASN A 211 22.03 16.17 -21.75
N ARG A 212 22.02 16.71 -20.54
CA ARG A 212 21.41 16.00 -19.42
C ARG A 212 19.91 15.82 -19.65
N ASP A 213 19.24 16.84 -20.20
CA ASP A 213 17.81 16.74 -20.43
C ASP A 213 17.48 15.62 -21.41
N ARG A 214 18.37 15.37 -22.37
CA ARG A 214 18.13 14.31 -23.34
C ARG A 214 18.18 12.94 -22.68
N THR A 215 19.20 12.70 -21.84
CA THR A 215 19.31 11.40 -21.19
C THR A 215 18.13 11.16 -20.26
N SER A 216 17.78 12.16 -19.45
CA SER A 216 16.60 12.08 -18.61
C SER A 216 15.37 11.70 -19.43
N ALA A 217 15.16 12.38 -20.56
CA ALA A 217 13.97 12.14 -21.36
C ALA A 217 13.97 10.74 -21.97
N LEU A 218 15.12 10.31 -22.49
CA LEU A 218 15.21 8.97 -23.09
C LEU A 218 14.97 7.87 -22.06
N LEU A 219 15.15 8.17 -20.77
CA LEU A 219 15.00 7.19 -19.70
C LEU A 219 13.69 7.33 -18.95
N GLY A 220 12.78 8.18 -19.41
CA GLY A 220 11.46 8.29 -18.85
C GLY A 220 11.31 9.23 -17.67
N PHE A 221 12.38 9.87 -17.23
CA PHE A 221 12.29 10.79 -16.11
C PHE A 221 11.47 12.02 -16.49
N ASP A 222 10.96 12.72 -15.47
CA ASP A 222 10.12 13.90 -15.65
C ASP A 222 10.85 15.18 -15.27
N GLY A 223 12.16 15.10 -15.07
CA GLY A 223 12.93 16.25 -14.64
C GLY A 223 14.29 15.79 -14.18
N LEU A 224 15.14 16.76 -13.84
CA LEU A 224 16.49 16.47 -13.41
C LEU A 224 16.61 16.61 -11.90
N VAL A 225 17.50 15.79 -11.33
CA VAL A 225 18.22 16.20 -10.13
C VAL A 225 19.31 17.15 -10.63
N VAL A 226 19.15 18.43 -10.33
CA VAL A 226 19.97 19.45 -10.98
C VAL A 226 21.39 19.40 -10.43
N ASN A 227 21.58 19.88 -9.21
CA ASN A 227 22.90 19.92 -8.63
C ASN A 227 23.54 18.54 -8.65
N SER A 228 24.84 18.49 -9.00
CA SER A 228 25.50 17.22 -9.25
C SER A 228 25.82 16.47 -7.96
N ILE A 229 26.09 17.19 -6.88
CA ILE A 229 26.25 16.54 -5.58
C ILE A 229 24.94 15.89 -5.16
N GLU A 230 23.84 16.64 -5.25
CA GLU A 230 22.54 16.09 -4.92
C GLU A 230 22.21 14.89 -5.80
N GLY A 231 22.82 14.81 -6.99
CA GLY A 231 22.57 13.69 -7.88
C GLY A 231 23.09 12.37 -7.37
N VAL A 232 24.24 12.39 -6.69
CA VAL A 232 24.84 11.18 -6.17
C VAL A 232 24.70 11.06 -4.65
N ALA A 233 24.59 12.18 -3.94
CA ALA A 233 24.38 12.15 -2.49
C ALA A 233 22.91 12.04 -2.11
N GLY A 234 22.00 12.40 -3.02
CA GLY A 234 20.58 12.38 -2.68
C GLY A 234 20.09 10.97 -2.43
N TRP A 235 19.42 10.78 -1.30
CA TRP A 235 18.91 9.48 -0.89
C TRP A 235 17.58 9.59 -0.17
N ASP A 236 17.05 10.79 0.04
CA ASP A 236 15.82 10.97 0.81
C ASP A 236 14.64 10.25 0.17
N HIS A 237 14.62 10.15 -1.16
CA HIS A 237 13.55 9.43 -1.84
C HIS A 237 13.55 7.96 -1.45
N VAL A 238 14.72 7.42 -1.11
CA VAL A 238 14.78 6.03 -0.64
C VAL A 238 14.20 5.93 0.76
N ALA A 239 14.66 6.81 1.66
CA ALA A 239 14.04 6.95 2.97
C ALA A 239 12.52 7.06 2.85
N GLU A 240 12.06 8.01 2.06
CA GLU A 240 10.63 8.28 1.96
C GLU A 240 9.88 7.08 1.42
N HIS A 241 10.42 6.43 0.39
CA HIS A 241 9.79 5.22 -0.12
C HIS A 241 9.61 4.20 0.99
N ALA A 242 10.64 3.99 1.81
CA ALA A 242 10.53 3.08 2.94
C ALA A 242 9.44 3.53 3.90
N PHE A 243 9.36 4.83 4.18
CA PHE A 243 8.35 5.30 5.13
C PHE A 243 6.95 5.05 4.60
N VAL A 244 6.66 5.48 3.37
CA VAL A 244 5.31 5.34 2.85
C VAL A 244 4.90 3.87 2.88
N ASN A 245 5.82 2.98 2.50
CA ASN A 245 5.56 1.55 2.65
C ASN A 245 5.21 1.22 4.10
N ALA A 246 6.00 1.73 5.05
CA ALA A 246 5.78 1.42 6.45
C ALA A 246 4.42 1.92 6.93
N VAL A 247 4.08 3.18 6.62
CA VAL A 247 2.86 3.75 7.18
C VAL A 247 1.63 3.15 6.48
N PHE A 248 1.71 2.94 5.17
CA PHE A 248 0.62 2.27 4.48
C PHE A 248 0.39 0.88 5.05
N LEU A 249 1.47 0.13 5.25
CA LEU A 249 1.34 -1.22 5.80
C LEU A 249 0.86 -1.19 7.24
N SER A 250 1.11 -0.10 7.97
CA SER A 250 0.59 -0.01 9.33
C SER A 250 -0.93 0.02 9.31
N GLY A 251 -1.51 0.69 8.31
CA GLY A 251 -2.96 0.69 8.17
C GLY A 251 -3.48 -0.65 7.74
N LEU A 252 -2.72 -1.35 6.89
CA LEU A 252 -3.10 -2.70 6.48
C LEU A 252 -3.04 -3.67 7.65
N SER A 253 -2.05 -3.49 8.54
CA SER A 253 -1.99 -4.30 9.74
C SER A 253 -3.16 -4.03 10.67
N ARG A 254 -3.66 -2.80 10.69
CA ARG A 254 -4.77 -2.47 11.57
C ARG A 254 -6.08 -3.04 11.03
N LEU A 255 -6.25 -3.05 9.72
CA LEU A 255 -7.39 -3.78 9.15
C LEU A 255 -7.25 -5.27 9.40
N ALA A 256 -6.06 -5.82 9.16
CA ALA A 256 -5.82 -7.23 9.42
C ALA A 256 -6.14 -7.59 10.87
N SER A 257 -5.66 -6.77 11.80
CA SER A 257 -5.95 -7.03 13.21
C SER A 257 -7.45 -6.91 13.49
N GLU A 258 -8.12 -5.94 12.86
CA GLU A 258 -9.55 -5.78 13.05
C GLU A 258 -10.31 -7.02 12.61
N ILE A 259 -10.00 -7.52 11.40
CA ILE A 259 -10.68 -8.70 10.89
C ILE A 259 -10.36 -9.92 11.75
N GLN A 260 -9.13 -10.01 12.24
CA GLN A 260 -8.76 -11.14 13.08
C GLN A 260 -9.57 -11.16 14.37
N LEU A 261 -9.90 -9.99 14.91
CA LEU A 261 -10.76 -9.94 16.09
C LEU A 261 -12.21 -10.26 15.73
N TRP A 262 -12.71 -9.67 14.65
CA TRP A 262 -14.03 -10.04 14.15
C TRP A 262 -14.18 -11.55 14.06
N SER A 263 -13.13 -12.24 13.61
CA SER A 263 -13.19 -13.66 13.30
C SER A 263 -12.63 -14.53 14.42
N THR A 264 -12.47 -13.97 15.62
CA THR A 264 -12.21 -14.82 16.77
C THR A 264 -13.39 -15.73 17.02
N ASP A 265 -13.11 -16.86 17.69
CA ASP A 265 -14.20 -17.74 18.12
C ASP A 265 -15.20 -17.01 19.00
N GLU A 266 -14.80 -15.91 19.62
CA GLU A 266 -15.66 -15.22 20.58
C GLU A 266 -16.50 -14.12 19.93
N TYR A 267 -15.88 -13.25 19.13
CA TYR A 267 -16.66 -12.28 18.37
C TYR A 267 -17.62 -13.01 17.43
N GLN A 268 -17.07 -13.77 16.49
CA GLN A 268 -17.87 -14.60 15.59
C GLN A 268 -18.70 -13.76 14.64
N VAL A 269 -18.25 -12.53 14.34
CA VAL A 269 -19.01 -11.64 13.46
C VAL A 269 -18.49 -11.63 12.03
N ALA A 270 -17.34 -12.25 11.76
CA ALA A 270 -16.90 -12.47 10.40
C ALA A 270 -16.05 -13.74 10.36
N GLU A 271 -16.00 -14.35 9.18
CA GLU A 271 -15.22 -15.55 8.97
C GLU A 271 -14.37 -15.37 7.72
N LEU A 272 -13.11 -15.75 7.79
CA LEU A 272 -12.25 -15.72 6.61
C LEU A 272 -12.75 -16.75 5.60
N ASP A 273 -12.65 -16.40 4.32
CA ASP A 273 -12.91 -17.39 3.30
C ASP A 273 -11.95 -18.57 3.47
N ALA A 274 -12.46 -19.77 3.22
CA ALA A 274 -11.63 -20.97 3.37
C ALA A 274 -10.30 -20.80 2.67
N SER A 275 -10.30 -20.13 1.52
CA SER A 275 -9.08 -19.97 0.72
C SER A 275 -8.09 -18.99 1.33
N PHE A 276 -8.44 -18.33 2.42
CA PHE A 276 -7.53 -17.42 3.11
C PHE A 276 -7.27 -17.83 4.55
N ALA A 277 -7.55 -19.09 4.89
CA ALA A 277 -7.33 -19.62 6.23
C ALA A 277 -6.57 -20.93 6.12
N GLY A 278 -5.83 -21.24 7.19
CA GLY A 278 -5.16 -22.52 7.32
C GLY A 278 -5.70 -23.28 8.51
N THR A 279 -5.00 -24.34 8.93
CA THR A 279 -5.41 -25.09 10.09
C THR A 279 -4.17 -25.62 10.80
N SER A 280 -4.41 -26.37 11.86
CA SER A 280 -3.35 -26.91 12.71
C SER A 280 -3.06 -28.36 12.36
N SER A 281 -1.80 -28.75 12.50
CA SER A 281 -1.41 -30.15 12.32
C SER A 281 -1.81 -31.02 13.50
N ILE A 282 -2.24 -30.42 14.60
CA ILE A 282 -2.48 -31.14 15.85
C ILE A 282 -3.91 -30.85 16.34
N MET A 283 -4.41 -29.65 16.07
CA MET A 283 -5.73 -29.22 16.53
C MET A 283 -6.71 -29.17 15.37
N PRO A 284 -7.57 -30.17 15.19
CA PRO A 284 -8.43 -30.19 13.99
C PRO A 284 -9.46 -29.08 13.94
N GLN A 285 -9.78 -28.43 15.07
CA GLN A 285 -10.80 -27.38 15.05
C GLN A 285 -10.29 -26.07 14.47
N LYS A 286 -8.98 -25.92 14.32
CA LYS A 286 -8.41 -24.62 13.97
C LYS A 286 -8.81 -24.20 12.56
N LYS A 287 -9.29 -22.97 12.44
CA LYS A 287 -9.35 -22.25 11.18
C LYS A 287 -8.46 -21.02 11.39
N ASN A 288 -7.22 -21.11 10.89
CA ASN A 288 -6.17 -20.20 11.35
C ASN A 288 -6.04 -19.00 10.42
N PRO A 289 -5.99 -17.75 10.95
CA PRO A 289 -5.83 -16.55 10.12
C PRO A 289 -4.40 -16.33 9.64
N ASP A 290 -3.82 -17.35 8.99
CA ASP A 290 -2.44 -17.26 8.54
C ASP A 290 -2.24 -16.10 7.58
N SER A 291 -3.24 -15.83 6.74
CA SER A 291 -3.12 -14.72 5.80
C SER A 291 -3.05 -13.39 6.53
N LEU A 292 -3.87 -13.22 7.56
CA LEU A 292 -3.85 -11.97 8.33
C LEU A 292 -2.50 -11.77 9.01
N GLU A 293 -2.01 -12.81 9.69
CA GLU A 293 -0.82 -12.65 10.52
C GLU A 293 0.45 -12.52 9.68
N ARG A 294 0.51 -13.19 8.53
CA ARG A 294 1.66 -12.98 7.64
C ARG A 294 1.60 -11.60 6.99
N SER A 295 0.40 -11.05 6.82
CA SER A 295 0.30 -9.69 6.31
C SER A 295 0.78 -8.68 7.34
N ARG A 296 0.36 -8.86 8.60
CA ARG A 296 0.88 -8.03 9.67
C ARG A 296 2.41 -8.16 9.77
N LYS A 297 2.93 -9.38 9.62
CA LYS A 297 4.37 -9.58 9.69
C LYS A 297 5.09 -8.68 8.69
N ALA A 298 4.59 -8.62 7.45
CA ALA A 298 5.18 -7.73 6.46
C ALA A 298 5.18 -6.28 6.94
N ALA A 299 4.07 -5.84 7.55
CA ALA A 299 3.99 -4.47 8.03
C ALA A 299 5.05 -4.20 9.09
N PHE A 300 5.22 -5.12 10.04
CA PHE A 300 6.23 -4.93 11.07
C PHE A 300 7.63 -4.91 10.44
N ALA A 301 7.91 -5.89 9.58
CA ALA A 301 9.22 -5.96 8.94
C ALA A 301 9.54 -4.67 8.19
N ALA A 302 8.52 -4.05 7.58
CA ALA A 302 8.74 -2.84 6.80
C ALA A 302 9.33 -1.72 7.66
N MET A 303 9.23 -1.81 8.99
CA MET A 303 9.93 -0.88 9.85
C MET A 303 11.43 -0.93 9.62
N GLY A 304 11.97 -2.10 9.31
CA GLY A 304 13.40 -2.31 9.28
C GLY A 304 14.12 -1.44 8.28
N PRO A 305 13.81 -1.61 6.99
CA PRO A 305 14.43 -0.75 5.96
C PRO A 305 14.31 0.73 6.27
N LEU A 306 13.17 1.15 6.79
CA LEU A 306 12.97 2.56 7.14
C LEU A 306 14.03 3.03 8.14
N VAL A 307 14.24 2.24 9.20
CA VAL A 307 15.21 2.63 10.23
C VAL A 307 16.63 2.47 9.71
N GLY A 308 16.90 1.37 9.00
CA GLY A 308 18.23 1.17 8.46
C GLY A 308 18.66 2.31 7.55
N ILE A 309 17.77 2.71 6.64
CA ILE A 309 18.08 3.76 5.68
C ILE A 309 18.34 5.07 6.40
N LEU A 310 17.44 5.44 7.30
CA LEU A 310 17.59 6.71 8.01
C LEU A 310 18.82 6.71 8.90
N THR A 311 19.10 5.61 9.59
CA THR A 311 20.33 5.52 10.37
C THR A 311 21.54 5.81 9.49
N SER A 312 21.55 5.24 8.27
CA SER A 312 22.73 5.36 7.43
C SER A 312 22.92 6.79 6.95
N LEU A 313 21.83 7.49 6.64
CA LEU A 313 21.95 8.89 6.23
C LEU A 313 22.40 9.76 7.39
N ASN A 314 21.93 9.46 8.61
CA ASN A 314 22.38 10.16 9.80
C ASN A 314 23.85 9.89 10.14
N ALA A 315 24.48 8.92 9.47
CA ALA A 315 25.82 8.48 9.83
C ALA A 315 26.92 9.07 8.97
N ILE A 316 26.59 9.82 7.92
CA ILE A 316 27.56 10.21 6.90
C ILE A 316 27.55 11.71 6.69
N GLU A 317 28.29 12.16 5.67
CA GLU A 317 28.26 13.54 5.21
C GLU A 317 27.30 13.63 4.03
N TYR A 318 27.18 14.82 3.45
CA TYR A 318 26.31 14.98 2.28
C TYR A 318 27.13 14.73 1.02
N GLN A 319 27.53 13.48 0.88
CA GLN A 319 28.40 13.01 -0.19
C GLN A 319 27.80 11.75 -0.78
N TYR A 320 28.33 11.33 -1.93
CA TYR A 320 28.18 9.93 -2.29
C TYR A 320 28.78 9.10 -1.18
N SER A 321 28.14 7.96 -0.90
CA SER A 321 28.64 7.06 0.13
C SER A 321 28.16 5.66 -0.22
N ALA A 322 29.06 4.68 -0.06
CA ALA A 322 28.70 3.29 -0.19
C ALA A 322 28.21 2.70 1.13
N ALA A 323 28.12 3.52 2.18
CA ALA A 323 27.58 3.09 3.47
C ALA A 323 26.07 3.19 3.54
N ARG A 324 25.41 3.80 2.55
CA ARG A 324 23.98 4.01 2.60
C ARG A 324 23.22 2.69 2.44
N VAL A 325 22.19 2.53 3.25
CA VAL A 325 21.33 1.34 3.19
C VAL A 325 20.31 1.53 2.07
N GLU A 326 19.94 0.43 1.43
CA GLU A 326 19.03 0.44 0.31
C GLU A 326 17.65 -0.05 0.74
N LEU A 327 16.64 0.31 -0.06
CA LEU A 327 15.36 -0.38 -0.03
C LEU A 327 15.43 -1.54 -1.00
N GLU A 328 15.29 -2.78 -0.47
CA GLU A 328 15.58 -4.01 -1.19
C GLU A 328 14.33 -4.52 -1.92
N PRO A 329 14.50 -5.27 -3.00
CA PRO A 329 13.33 -5.86 -3.66
C PRO A 329 12.50 -6.75 -2.74
N ARG A 330 13.13 -7.54 -1.85
CA ARG A 330 12.36 -8.48 -1.05
C ARG A 330 11.44 -7.75 -0.07
N SER A 331 11.78 -6.51 0.30
CA SER A 331 10.88 -5.71 1.13
C SER A 331 9.67 -5.25 0.34
N ILE A 332 9.87 -4.79 -0.89
CA ILE A 332 8.75 -4.36 -1.72
C ILE A 332 7.89 -5.55 -2.11
N ASP A 333 8.52 -6.69 -2.40
CA ASP A 333 7.74 -7.89 -2.71
C ASP A 333 6.86 -8.28 -1.55
N ALA A 334 7.38 -8.18 -0.32
CA ALA A 334 6.54 -8.45 0.85
C ALA A 334 5.33 -7.52 0.88
N LEU A 335 5.53 -6.23 0.60
CA LEU A 335 4.42 -5.29 0.59
C LEU A 335 3.37 -5.71 -0.43
N ILE A 336 3.80 -6.05 -1.65
CA ILE A 336 2.85 -6.43 -2.69
C ILE A 336 2.10 -7.69 -2.30
N ALA A 337 2.82 -8.70 -1.80
CA ALA A 337 2.17 -9.94 -1.38
C ALA A 337 1.12 -9.67 -0.30
N ALA A 338 1.43 -8.78 0.64
CA ALA A 338 0.49 -8.50 1.73
C ALA A 338 -0.71 -7.70 1.23
N THR A 339 -0.46 -6.69 0.39
CA THR A 339 -1.55 -5.92 -0.19
C THR A 339 -2.48 -6.80 -1.01
N HIS A 340 -1.90 -7.71 -1.81
CA HIS A 340 -2.70 -8.65 -2.58
C HIS A 340 -3.51 -9.56 -1.67
N ALA A 341 -2.85 -10.13 -0.65
CA ALA A 341 -3.55 -11.03 0.27
C ALA A 341 -4.73 -10.33 0.93
N MET A 342 -4.52 -9.09 1.41
CA MET A 342 -5.60 -8.39 2.09
C MET A 342 -6.66 -7.89 1.12
N THR A 343 -6.28 -7.62 -0.14
CA THR A 343 -7.28 -7.33 -1.16
C THR A 343 -8.24 -8.51 -1.29
N GLY A 344 -7.72 -9.73 -1.27
CA GLY A 344 -8.54 -10.91 -1.41
C GLY A 344 -9.29 -11.25 -0.14
N VAL A 345 -8.65 -11.03 1.01
CA VAL A 345 -9.34 -11.22 2.29
C VAL A 345 -10.61 -10.36 2.32
N VAL A 346 -10.48 -9.10 1.91
CA VAL A 346 -11.61 -8.18 2.00
C VAL A 346 -12.68 -8.56 0.97
N ARG A 347 -12.26 -8.83 -0.27
CA ARG A 347 -13.22 -9.24 -1.30
C ARG A 347 -14.06 -10.41 -0.83
N THR A 348 -13.43 -11.42 -0.23
CA THR A 348 -14.08 -12.68 0.07
C THR A 348 -14.52 -12.81 1.52
N LEU A 349 -14.35 -11.78 2.34
CA LEU A 349 -14.73 -11.88 3.74
C LEU A 349 -16.22 -12.19 3.88
N HIS A 350 -16.54 -13.07 4.82
CA HIS A 350 -17.92 -13.49 5.05
C HIS A 350 -18.40 -12.94 6.40
N PRO A 351 -19.12 -11.82 6.42
CA PRO A 351 -19.66 -11.33 7.70
C PRO A 351 -20.90 -12.12 8.12
N ASN A 352 -21.02 -12.35 9.43
CA ASN A 352 -22.21 -12.98 9.99
C ASN A 352 -23.16 -11.85 10.37
N LYS A 353 -24.04 -11.50 9.44
CA LYS A 353 -24.86 -10.30 9.59
C LYS A 353 -25.79 -10.40 10.79
N GLU A 354 -26.27 -11.60 11.12
CA GLU A 354 -27.19 -11.76 12.24
C GLU A 354 -26.48 -11.56 13.56
N ARG A 355 -25.28 -12.14 13.72
CA ARG A 355 -24.54 -11.92 14.95
C ARG A 355 -24.10 -10.47 15.07
N MET A 356 -23.71 -9.85 13.96
CA MET A 356 -23.42 -8.42 13.98
C MET A 356 -24.61 -7.63 14.51
N ARG A 357 -25.79 -7.86 13.95
CA ARG A 357 -26.98 -7.18 14.42
C ARG A 357 -27.28 -7.52 15.88
N GLN A 358 -27.03 -8.78 16.27
CA GLN A 358 -27.29 -9.18 17.65
C GLN A 358 -26.50 -8.33 18.63
N TYR A 359 -25.19 -8.24 18.43
CA TYR A 359 -24.36 -7.43 19.33
C TYR A 359 -24.83 -5.98 19.37
N ALA A 360 -25.05 -5.39 18.19
CA ALA A 360 -25.47 -3.99 18.15
C ALA A 360 -26.75 -3.75 18.93
N ALA A 361 -27.65 -4.73 18.95
CA ALA A 361 -28.93 -4.59 19.64
C ALA A 361 -28.87 -5.00 21.11
N GLU A 362 -27.93 -5.87 21.47
CA GLU A 362 -27.92 -6.48 22.80
C GLU A 362 -26.83 -5.97 23.73
N ASN A 363 -25.69 -5.50 23.21
CA ASN A 363 -24.52 -5.27 24.03
C ASN A 363 -24.27 -3.79 24.35
N TYR A 364 -25.30 -2.95 24.27
CA TYR A 364 -25.34 -1.62 24.88
C TYR A 364 -24.65 -0.52 24.07
N SER A 365 -24.31 -0.77 22.80
CA SER A 365 -23.75 0.29 21.98
C SER A 365 -24.76 1.37 21.65
N THR A 366 -26.05 1.13 21.88
CA THR A 366 -27.10 2.10 21.61
C THR A 366 -27.34 3.06 22.76
N MET A 367 -26.56 2.98 23.83
CA MET A 367 -26.86 3.78 25.02
C MET A 367 -26.63 5.27 24.78
N THR A 368 -25.75 5.63 23.85
CA THR A 368 -25.58 7.04 23.51
C THR A 368 -26.90 7.64 23.04
N ASP A 369 -27.59 6.95 22.14
CA ASP A 369 -28.84 7.47 21.60
C ASP A 369 -29.92 7.55 22.67
N LEU A 370 -29.89 6.66 23.65
CA LEU A 370 -30.79 6.80 24.79
C LEU A 370 -30.46 8.07 25.57
N THR A 371 -29.18 8.34 25.78
CA THR A 371 -28.78 9.56 26.47
C THR A 371 -29.15 10.79 25.66
N ASP A 372 -28.71 10.83 24.39
CA ASP A 372 -29.08 11.94 23.50
C ASP A 372 -30.59 12.17 23.53
N MET A 373 -31.37 11.10 23.68
CA MET A 373 -32.82 11.22 23.63
C MET A 373 -33.35 11.98 24.85
N LEU A 374 -32.86 11.62 26.04
CA LEU A 374 -33.27 12.33 27.25
C LEU A 374 -32.92 13.81 27.16
N VAL A 375 -31.73 14.12 26.66
CA VAL A 375 -31.32 15.52 26.52
C VAL A 375 -32.21 16.22 25.50
N ARG A 376 -32.40 15.60 24.33
CA ARG A 376 -33.20 16.23 23.28
C ARG A 376 -34.64 16.43 23.71
N ARG A 377 -35.17 15.56 24.58
CA ARG A 377 -36.58 15.64 24.97
C ARG A 377 -36.74 16.35 26.31
N VAL A 378 -36.66 15.61 27.41
CA VAL A 378 -36.74 16.16 28.76
C VAL A 378 -35.71 17.23 29.03
N GLY A 379 -34.72 17.39 28.13
CA GLY A 379 -33.88 18.58 28.15
C GLY A 379 -33.13 18.77 29.44
N ILE A 380 -32.32 17.77 29.77
CA ILE A 380 -31.43 17.80 30.91
C ILE A 380 -29.99 17.83 30.39
N ASP A 381 -29.07 18.25 31.26
CA ASP A 381 -27.67 18.30 30.84
C ASP A 381 -27.19 16.92 30.42
N TYR A 382 -26.26 16.90 29.46
CA TYR A 382 -25.76 15.62 28.98
C TYR A 382 -25.10 14.84 30.10
N ARG A 383 -24.65 15.52 31.15
CA ARG A 383 -23.91 14.85 32.20
C ARG A 383 -24.83 14.15 33.19
N GLU A 384 -26.06 14.64 33.37
CA GLU A 384 -27.00 13.96 34.26
C GLU A 384 -27.71 12.82 33.53
N ALA A 385 -28.10 13.04 32.27
CA ALA A 385 -28.60 11.94 31.46
C ALA A 385 -27.59 10.81 31.42
N HIS A 386 -26.31 11.16 31.30
CA HIS A 386 -25.25 10.15 31.20
C HIS A 386 -25.22 9.26 32.44
N GLU A 387 -25.33 9.87 33.62
CA GLU A 387 -25.30 9.09 34.86
C GLU A 387 -26.49 8.14 34.93
N ILE A 388 -27.65 8.57 34.44
CA ILE A 388 -28.83 7.71 34.48
C ILE A 388 -28.64 6.52 33.55
N VAL A 389 -28.31 6.77 32.28
CA VAL A 389 -28.11 5.68 31.35
C VAL A 389 -26.98 4.76 31.82
N ALA A 390 -25.94 5.35 32.42
CA ALA A 390 -24.87 4.53 32.98
C ALA A 390 -25.41 3.59 34.05
N HIS A 391 -26.29 4.09 34.91
CA HIS A 391 -26.90 3.23 35.93
C HIS A 391 -27.88 2.24 35.31
N VAL A 392 -28.59 2.65 34.26
CA VAL A 392 -29.39 1.72 33.48
C VAL A 392 -28.54 0.53 33.06
N VAL A 393 -27.36 0.80 32.49
CA VAL A 393 -26.49 -0.26 32.02
C VAL A 393 -26.00 -1.11 33.18
N ILE A 394 -25.53 -0.46 34.25
CA ILE A 394 -25.07 -1.19 35.43
C ILE A 394 -26.17 -2.12 35.93
N THR A 395 -27.38 -1.59 36.10
CA THR A 395 -28.50 -2.40 36.56
C THR A 395 -28.85 -3.48 35.53
N ALA A 396 -28.86 -3.11 34.25
CA ALA A 396 -29.18 -4.07 33.19
C ALA A 396 -28.25 -5.28 33.25
N ILE A 397 -26.94 -5.05 33.39
CA ILE A 397 -25.99 -6.15 33.39
C ILE A 397 -26.20 -7.05 34.60
N GLU A 398 -26.41 -6.45 35.77
CA GLU A 398 -26.64 -7.24 36.97
C GLU A 398 -27.84 -8.17 36.81
N LYS A 399 -28.94 -7.63 36.28
CA LYS A 399 -30.17 -8.40 36.13
C LYS A 399 -30.19 -9.25 34.86
N GLY A 400 -29.17 -9.14 34.00
CA GLY A 400 -29.13 -9.93 32.79
C GLY A 400 -30.06 -9.46 31.69
N ILE A 401 -30.32 -8.17 31.62
CA ILE A 401 -31.24 -7.60 30.64
C ILE A 401 -30.40 -7.02 29.50
N LYS A 402 -30.53 -7.61 28.31
CA LYS A 402 -29.84 -7.09 27.14
C LYS A 402 -30.43 -5.74 26.75
N ALA A 403 -29.61 -4.93 26.06
CA ALA A 403 -30.00 -3.55 25.76
C ALA A 403 -31.34 -3.47 25.04
N ASN A 404 -31.65 -4.43 24.18
CA ASN A 404 -32.91 -4.38 23.46
C ASN A 404 -34.08 -4.84 24.30
N LYS A 405 -33.84 -5.36 25.51
CA LYS A 405 -34.89 -5.66 26.47
C LYS A 405 -35.01 -4.58 27.55
N ILE A 406 -34.30 -3.46 27.40
CA ILE A 406 -34.43 -2.35 28.33
C ILE A 406 -35.72 -1.61 28.04
N GLY A 407 -36.45 -1.25 29.09
CA GLY A 407 -37.76 -0.66 28.95
C GLY A 407 -37.94 0.56 29.84
N LEU A 408 -39.17 1.07 29.83
CA LEU A 408 -39.49 2.30 30.55
C LEU A 408 -39.26 2.13 32.05
N ASP A 409 -39.63 0.98 32.61
CA ASP A 409 -39.41 0.73 34.03
C ASP A 409 -37.97 1.00 34.42
N LEU A 410 -37.04 0.32 33.76
CA LEU A 410 -35.63 0.41 34.15
C LEU A 410 -35.11 1.84 34.05
N VAL A 411 -35.49 2.55 32.98
CA VAL A 411 -35.04 3.93 32.84
C VAL A 411 -35.67 4.80 33.92
N GLN A 412 -36.90 4.49 34.34
CA GLN A 412 -37.52 5.22 35.44
C GLN A 412 -36.83 4.94 36.76
N GLU A 413 -36.61 3.65 37.07
CA GLU A 413 -35.84 3.31 38.26
C GLU A 413 -34.54 4.10 38.33
N ALA A 414 -33.75 4.02 37.26
CA ALA A 414 -32.44 4.68 37.25
C ALA A 414 -32.60 6.18 37.45
N ALA A 415 -33.52 6.81 36.73
CA ALA A 415 -33.74 8.24 36.88
C ALA A 415 -34.10 8.59 38.33
N VAL A 416 -35.07 7.86 38.90
CA VAL A 416 -35.46 8.09 40.28
C VAL A 416 -34.27 7.86 41.21
N ALA A 417 -33.66 6.67 41.13
CA ALA A 417 -32.58 6.32 42.04
C ALA A 417 -31.39 7.27 41.94
N GLN A 418 -31.25 7.99 40.82
CA GLN A 418 -30.11 8.87 40.62
C GLN A 418 -30.46 10.35 40.78
N THR A 419 -31.74 10.69 40.78
CA THR A 419 -32.14 12.10 40.86
C THR A 419 -33.41 12.32 41.67
N GLY A 420 -34.06 11.28 42.18
CA GLY A 420 -35.33 11.42 42.86
C GLY A 420 -36.44 11.91 41.96
N ALA A 421 -36.18 11.98 40.66
CA ALA A 421 -37.14 12.52 39.70
C ALA A 421 -37.32 11.53 38.57
N GLY A 422 -38.58 11.26 38.21
CA GLY A 422 -38.88 10.50 37.01
C GLY A 422 -38.63 11.34 35.77
N ILE A 423 -38.96 10.76 34.62
CA ILE A 423 -38.63 11.38 33.34
C ILE A 423 -39.76 11.10 32.35
N ASN A 424 -40.17 12.14 31.63
CA ASN A 424 -41.30 12.08 30.70
C ASN A 424 -40.82 11.53 29.37
N VAL A 425 -40.86 10.21 29.21
CA VAL A 425 -40.54 9.57 27.96
C VAL A 425 -41.39 8.32 27.83
N SER A 426 -41.69 7.96 26.59
CA SER A 426 -42.59 6.84 26.28
C SER A 426 -41.80 5.55 26.10
N ALA A 427 -42.51 4.42 26.26
CA ALA A 427 -41.93 3.14 25.90
C ALA A 427 -41.46 3.15 24.45
N ASP A 428 -42.24 3.75 23.55
CA ASP A 428 -41.82 3.90 22.17
C ASP A 428 -40.59 4.79 22.05
N ASP A 429 -40.56 5.90 22.79
CA ASP A 429 -39.40 6.77 22.77
C ASP A 429 -38.13 6.01 23.10
N ILE A 430 -38.23 5.05 24.03
CA ILE A 430 -37.06 4.30 24.48
C ILE A 430 -36.71 3.21 23.47
N LYS A 431 -37.71 2.40 23.07
CA LYS A 431 -37.46 1.35 22.10
C LYS A 431 -36.83 1.90 20.82
N ASP A 432 -37.21 3.11 20.44
CA ASP A 432 -36.65 3.71 19.24
C ASP A 432 -35.19 4.11 19.45
N ALA A 433 -34.86 4.62 20.64
CA ALA A 433 -33.48 4.97 20.94
C ALA A 433 -32.58 3.75 20.93
N LEU A 434 -33.11 2.59 21.32
CA LEU A 434 -32.34 1.36 21.43
C LEU A 434 -32.38 0.52 20.16
N ASP A 435 -33.10 0.96 19.13
CA ASP A 435 -33.09 0.27 17.86
C ASP A 435 -31.77 0.58 17.15
N PRO A 436 -30.87 -0.39 17.01
CA PRO A 436 -29.55 -0.07 16.45
C PRO A 436 -29.60 0.41 15.01
N TRP A 437 -30.56 -0.06 14.21
CA TRP A 437 -30.69 0.46 12.85
C TRP A 437 -31.12 1.92 12.86
N GLN A 438 -32.00 2.30 13.79
CA GLN A 438 -32.34 3.71 13.93
C GLN A 438 -31.15 4.53 14.42
N ASN A 439 -30.30 3.93 15.26
CA ASN A 439 -29.03 4.58 15.61
C ASN A 439 -28.23 4.91 14.36
N VAL A 440 -28.17 3.97 13.41
CA VAL A 440 -27.46 4.23 12.16
C VAL A 440 -28.14 5.35 11.38
N LEU A 441 -29.46 5.22 11.16
CA LEU A 441 -30.15 6.15 10.28
C LEU A 441 -30.06 7.58 10.80
N ARG A 442 -30.10 7.77 12.12
CA ARG A 442 -29.96 9.11 12.68
C ARG A 442 -28.58 9.69 12.40
N ARG A 443 -27.57 8.84 12.28
CA ARG A 443 -26.20 9.28 12.02
C ARG A 443 -26.02 9.42 10.51
N GLU A 444 -26.44 10.58 10.01
CA GLU A 444 -26.54 10.80 8.57
C GLU A 444 -25.76 12.00 8.08
N GLY A 445 -25.04 12.71 8.94
CA GLY A 445 -24.15 13.75 8.49
C GLY A 445 -23.04 13.20 7.61
N LYS A 446 -22.11 14.06 7.21
CA LYS A 446 -21.02 13.62 6.36
C LYS A 446 -20.14 12.60 7.08
N GLY A 447 -19.84 11.51 6.38
CA GLY A 447 -18.94 10.50 6.92
C GLY A 447 -19.52 9.64 8.02
N MET A 448 -20.81 9.69 8.26
CA MET A 448 -21.48 8.90 9.28
C MET A 448 -22.14 7.69 8.64
N PRO A 449 -22.52 6.68 9.45
CA PRO A 449 -22.84 5.35 8.88
C PRO A 449 -24.18 5.22 8.18
N ALA A 450 -25.07 6.20 8.27
CA ALA A 450 -26.35 6.08 7.57
C ALA A 450 -26.11 5.71 6.11
N PRO A 451 -26.89 4.79 5.54
CA PRO A 451 -26.65 4.40 4.14
C PRO A 451 -26.48 5.58 3.18
N MET A 452 -27.31 6.61 3.30
CA MET A 452 -27.27 7.70 2.33
C MET A 452 -25.91 8.40 2.34
N SER A 453 -25.34 8.60 3.54
CA SER A 453 -24.06 9.28 3.63
C SER A 453 -22.90 8.36 3.23
N VAL A 454 -22.97 7.08 3.58
CA VAL A 454 -21.93 6.15 3.15
C VAL A 454 -21.93 6.03 1.63
N LYS A 455 -23.12 5.84 1.05
CA LYS A 455 -23.23 5.79 -0.41
C LYS A 455 -22.61 7.04 -1.05
N ALA A 456 -22.86 8.22 -0.46
CA ALA A 456 -22.21 9.44 -0.92
C ALA A 456 -20.69 9.27 -0.93
N SER A 457 -20.12 8.87 0.21
CA SER A 457 -18.69 8.56 0.27
C SER A 457 -18.27 7.61 -0.84
N ILE A 458 -19.07 6.57 -1.09
CA ILE A 458 -18.72 5.59 -2.10
C ILE A 458 -18.67 6.24 -3.48
N ASP A 459 -19.67 7.05 -3.81
CA ASP A 459 -19.65 7.76 -5.09
C ASP A 459 -18.41 8.61 -5.24
N ASP A 460 -18.03 9.34 -4.17
CA ASP A 460 -16.82 10.14 -4.23
C ASP A 460 -15.59 9.26 -4.38
N ALA A 461 -15.54 8.15 -3.64
CA ALA A 461 -14.38 7.26 -3.73
C ALA A 461 -14.27 6.65 -5.12
N MET A 462 -15.40 6.27 -5.72
CA MET A 462 -15.39 5.72 -7.07
C MET A 462 -14.88 6.74 -8.08
N ALA A 463 -15.21 8.02 -7.88
CA ALA A 463 -14.68 9.06 -8.76
C ALA A 463 -13.19 9.25 -8.54
N GLU A 464 -12.74 9.22 -7.27
CA GLU A 464 -11.32 9.29 -6.99
C GLU A 464 -10.59 8.08 -7.55
N LEU A 465 -11.17 6.89 -7.40
CA LEU A 465 -10.53 5.70 -7.96
C LEU A 465 -10.31 5.84 -9.46
N HIS A 466 -11.26 6.46 -10.15
CA HIS A 466 -11.07 6.76 -11.57
C HIS A 466 -9.87 7.69 -11.77
N LYS A 467 -9.75 8.73 -10.94
CA LYS A 467 -8.58 9.60 -11.01
C LYS A 467 -7.32 8.83 -10.69
N ASP A 468 -7.38 7.94 -9.71
CA ASP A 468 -6.26 7.11 -9.34
C ASP A 468 -5.81 6.27 -10.53
N ARG A 469 -6.72 5.59 -11.20
CA ARG A 469 -6.37 4.75 -12.35
C ARG A 469 -5.80 5.60 -13.48
N ALA A 470 -6.37 6.78 -13.71
CA ALA A 470 -5.91 7.62 -14.81
C ALA A 470 -4.50 8.13 -14.56
N TRP A 471 -4.22 8.55 -13.32
CA TRP A 471 -2.86 8.94 -12.98
C TRP A 471 -1.88 7.80 -13.24
N LEU A 472 -2.22 6.58 -12.78
CA LEU A 472 -1.34 5.45 -12.98
C LEU A 472 -1.13 5.17 -14.47
N ALA A 473 -2.22 5.18 -15.24
CA ALA A 473 -2.11 4.91 -16.67
C ALA A 473 -1.18 5.91 -17.34
N ASN A 474 -1.31 7.19 -17.00
CA ASN A 474 -0.45 8.21 -17.58
C ASN A 474 1.00 7.95 -17.23
N ALA A 475 1.31 7.81 -15.95
CA ALA A 475 2.67 7.52 -15.51
C ALA A 475 3.24 6.31 -16.25
N THR A 476 2.47 5.21 -16.28
CA THR A 476 2.95 3.99 -16.91
C THR A 476 3.22 4.20 -18.40
N GLN A 477 2.31 4.87 -19.10
CA GLN A 477 2.46 5.06 -20.54
C GLN A 477 3.62 6.00 -20.84
N ALA A 478 3.81 7.03 -20.01
CA ALA A 478 4.94 7.93 -20.21
C ALA A 478 6.27 7.18 -20.17
N LEU A 479 6.35 6.08 -19.42
CA LEU A 479 7.57 5.27 -19.39
C LEU A 479 7.63 4.35 -20.59
N ALA A 480 6.51 3.73 -20.96
CA ALA A 480 6.50 2.87 -22.13
C ALA A 480 6.87 3.65 -23.40
N ASN A 481 6.48 4.93 -23.46
CA ASN A 481 6.77 5.73 -24.65
C ASN A 481 8.26 6.04 -24.74
N ALA A 482 8.85 6.54 -23.65
CA ALA A 482 10.29 6.78 -23.64
C ALA A 482 11.05 5.50 -23.95
N LYS A 483 10.62 4.38 -23.37
CA LYS A 483 11.33 3.12 -23.59
C LYS A 483 11.27 2.70 -25.05
N GLN A 484 10.19 3.05 -25.76
CA GLN A 484 10.11 2.71 -27.18
C GLN A 484 10.82 3.75 -28.04
N THR A 485 10.78 5.03 -27.63
CA THR A 485 11.65 6.02 -28.25
C THR A 485 13.09 5.56 -28.22
N LEU A 486 13.57 5.15 -27.04
CA LEU A 486 14.96 4.72 -26.90
C LEU A 486 15.26 3.52 -27.80
N ALA A 487 14.42 2.49 -27.72
CA ALA A 487 14.63 1.31 -28.55
C ALA A 487 14.73 1.67 -30.03
N ASP A 488 13.87 2.57 -30.49
CA ASP A 488 13.90 2.97 -31.90
C ASP A 488 15.17 3.75 -32.23
N SER A 489 15.54 4.71 -31.38
CA SER A 489 16.78 5.45 -31.59
C SER A 489 17.98 4.52 -31.66
N VAL A 490 17.92 3.38 -30.95
CA VAL A 490 19.03 2.44 -30.97
C VAL A 490 19.05 1.68 -32.29
N GLN A 491 17.89 1.16 -32.72
CA GLN A 491 17.84 0.44 -33.98
C GLN A 491 18.21 1.33 -35.16
N GLN A 492 17.98 2.64 -35.05
CA GLN A 492 18.37 3.57 -36.11
C GLN A 492 19.88 3.62 -36.24
N ILE A 493 20.56 4.06 -35.18
CA ILE A 493 22.02 4.12 -35.18
C ILE A 493 22.61 2.82 -35.71
N ILE A 494 22.08 1.69 -35.28
CA ILE A 494 22.67 0.40 -35.64
C ILE A 494 22.39 0.07 -37.10
N GLN A 495 21.13 0.19 -37.53
CA GLN A 495 20.75 -0.29 -38.86
C GLN A 495 21.31 0.59 -39.99
N THR A 496 21.62 1.86 -39.73
CA THR A 496 22.16 2.70 -40.78
C THR A 496 23.67 2.50 -40.94
N ASP A 497 24.39 2.44 -39.83
CA ASP A 497 25.80 2.05 -39.90
C ASP A 497 25.98 0.79 -40.74
N ARG A 498 25.04 -0.16 -40.60
CA ARG A 498 25.15 -1.43 -41.31
C ARG A 498 24.92 -1.25 -42.82
N LYS A 499 24.00 -0.38 -43.21
CA LYS A 499 23.54 -0.32 -44.59
C LYS A 499 24.15 0.82 -45.40
N TYR A 500 24.48 1.95 -44.79
CA TYR A 500 24.86 3.15 -45.54
C TYR A 500 26.20 3.71 -45.08
N LEU A 501 27.02 2.92 -44.41
CA LEU A 501 28.30 3.39 -43.90
C LEU A 501 29.33 2.26 -43.88
#